data_1K8F
#
_entry.id   1K8F
#
_cell.length_a   82.640
_cell.length_b   83.120
_cell.length_c   99.960
_cell.angle_alpha   90.00
_cell.angle_beta   90.00
_cell.angle_gamma   90.00
#
_symmetry.space_group_name_H-M   'P 21 21 21'
#
_entity_poly.entity_id   1
_entity_poly.type   'polypeptide(L)'
_entity_poly.pdbx_seq_one_letter_code
;PAVLELEGKKWRVENQENVSNLVIEDTELKQVAYIYKCVNTTLQIKGKINSITVDNCKKLGLVFDDVVGIVEIINSKDVK
VQVMGKVPTISINKTDGCHAYLSKNSLDCEIVSAKSSEMNVLIPTEGGDFNEFPVPEQFKTLWNGQKLVTTVTEIAG
;
_entity_poly.pdbx_strand_id   A,B,C,D
#
# COMPACT_ATOMS: atom_id res chain seq x y z
N PRO A 1 -8.77 -19.20 -32.09
CA PRO A 1 -10.13 -19.45 -31.61
C PRO A 1 -10.18 -20.46 -30.46
N ALA A 2 -11.05 -20.18 -29.49
CA ALA A 2 -11.21 -21.04 -28.33
C ALA A 2 -11.39 -22.51 -28.72
N VAL A 3 -10.60 -23.37 -28.08
CA VAL A 3 -10.64 -24.80 -28.33
C VAL A 3 -10.99 -25.56 -27.06
N LEU A 4 -11.69 -26.67 -27.22
CA LEU A 4 -12.10 -27.53 -26.11
C LEU A 4 -12.63 -28.79 -26.75
N GLU A 5 -11.72 -29.74 -26.99
CA GLU A 5 -12.10 -30.99 -27.62
C GLU A 5 -11.06 -32.07 -27.37
N LEU A 6 -11.52 -33.30 -27.24
CA LEU A 6 -10.63 -34.41 -27.02
C LEU A 6 -9.99 -34.68 -28.38
N GLU A 7 -8.68 -34.86 -28.40
CA GLU A 7 -7.94 -35.12 -29.62
C GLU A 7 -7.04 -36.31 -29.29
N GLY A 8 -7.61 -37.50 -29.37
CA GLY A 8 -6.87 -38.71 -29.04
C GLY A 8 -7.07 -38.95 -27.56
N LYS A 9 -5.98 -38.90 -26.80
CA LYS A 9 -6.02 -39.08 -25.36
C LYS A 9 -6.02 -37.70 -24.70
N LYS A 10 -5.59 -36.71 -25.46
CA LYS A 10 -5.48 -35.35 -24.98
C LYS A 10 -6.72 -34.47 -25.06
N TRP A 11 -7.10 -33.94 -23.90
CA TRP A 11 -8.25 -33.06 -23.79
C TRP A 11 -7.70 -31.66 -23.99
N ARG A 12 -7.86 -31.12 -25.18
CA ARG A 12 -7.36 -29.79 -25.49
C ARG A 12 -8.34 -28.69 -25.17
N VAL A 13 -7.96 -27.84 -24.22
CA VAL A 13 -8.79 -26.70 -23.86
C VAL A 13 -7.79 -25.55 -23.86
N GLU A 14 -7.96 -24.66 -24.83
CA GLU A 14 -7.05 -23.54 -25.00
C GLU A 14 -7.72 -22.29 -25.55
N ASN A 15 -7.06 -21.16 -25.34
CA ASN A 15 -7.53 -19.87 -25.81
C ASN A 15 -8.85 -19.43 -25.21
N GLN A 16 -9.24 -20.06 -24.12
CA GLN A 16 -10.48 -19.71 -23.44
C GLN A 16 -10.32 -18.32 -22.81
N GLU A 17 -11.38 -17.53 -22.87
CA GLU A 17 -11.35 -16.18 -22.31
C GLU A 17 -12.67 -15.80 -21.67
N ASN A 18 -12.61 -15.48 -20.37
CA ASN A 18 -13.78 -15.07 -19.62
C ASN A 18 -14.95 -16.04 -19.58
N VAL A 19 -14.65 -17.33 -19.70
CA VAL A 19 -15.66 -18.38 -19.62
C VAL A 19 -15.52 -18.83 -18.18
N SER A 20 -16.51 -19.53 -17.64
CA SER A 20 -16.40 -19.97 -16.26
C SER A 20 -17.25 -21.19 -15.97
N ASN A 21 -17.84 -21.76 -17.01
CA ASN A 21 -18.68 -22.93 -16.83
C ASN A 21 -18.14 -24.18 -17.52
N LEU A 22 -16.93 -24.07 -18.07
CA LEU A 22 -16.32 -25.20 -18.74
C LEU A 22 -16.32 -26.44 -17.87
N VAL A 23 -16.75 -27.57 -18.44
CA VAL A 23 -16.79 -28.83 -17.71
C VAL A 23 -16.53 -29.97 -18.68
N ILE A 24 -15.71 -30.91 -18.24
CA ILE A 24 -15.38 -32.07 -19.04
C ILE A 24 -15.99 -33.26 -18.32
N GLU A 25 -17.23 -33.56 -18.68
CA GLU A 25 -18.02 -34.65 -18.08
C GLU A 25 -17.44 -36.04 -18.29
N ASP A 26 -17.38 -36.46 -19.55
CA ASP A 26 -16.85 -37.77 -19.88
C ASP A 26 -15.40 -37.77 -19.43
N THR A 27 -14.76 -38.94 -19.49
CA THR A 27 -13.37 -39.06 -19.08
C THR A 27 -12.91 -40.51 -19.07
N GLU A 28 -11.66 -40.72 -19.47
CA GLU A 28 -11.08 -42.05 -19.48
C GLU A 28 -9.78 -41.99 -18.69
N LEU A 29 -9.53 -43.07 -17.95
CA LEU A 29 -8.36 -43.20 -17.09
C LEU A 29 -6.99 -42.94 -17.74
N LYS A 30 -6.87 -43.12 -19.05
CA LYS A 30 -5.59 -42.92 -19.71
C LYS A 30 -5.47 -41.55 -20.40
N GLN A 31 -6.52 -40.75 -20.29
CA GLN A 31 -6.54 -39.43 -20.90
C GLN A 31 -5.69 -38.44 -20.13
N VAL A 32 -5.47 -37.28 -20.71
CA VAL A 32 -4.71 -36.20 -20.10
C VAL A 32 -5.36 -34.91 -20.57
N ALA A 33 -5.15 -33.84 -19.81
CA ALA A 33 -5.72 -32.55 -20.17
C ALA A 33 -4.60 -31.54 -20.33
N TYR A 34 -4.74 -30.66 -21.31
CA TYR A 34 -3.74 -29.62 -21.54
C TYR A 34 -4.45 -28.29 -21.67
N ILE A 35 -4.48 -27.53 -20.58
CA ILE A 35 -5.12 -26.23 -20.58
C ILE A 35 -4.06 -25.20 -20.98
N TYR A 36 -4.19 -24.68 -22.19
CA TYR A 36 -3.25 -23.72 -22.73
C TYR A 36 -3.84 -22.32 -22.98
N LYS A 37 -3.00 -21.30 -22.79
CA LYS A 37 -3.38 -19.91 -23.00
C LYS A 37 -4.83 -19.56 -22.65
N CYS A 38 -5.23 -19.86 -21.43
CA CYS A 38 -6.57 -19.57 -20.98
C CYS A 38 -6.47 -18.52 -19.88
N VAL A 39 -7.23 -17.44 -20.00
CA VAL A 39 -7.21 -16.38 -19.01
C VAL A 39 -8.62 -16.12 -18.49
N ASN A 40 -8.70 -15.83 -17.19
CA ASN A 40 -9.98 -15.57 -16.54
C ASN A 40 -10.99 -16.66 -16.87
N THR A 41 -10.51 -17.89 -16.90
CA THR A 41 -11.34 -19.05 -17.20
C THR A 41 -11.49 -19.95 -15.97
N THR A 42 -12.56 -20.76 -15.97
CA THR A 42 -12.81 -21.70 -14.89
C THR A 42 -13.23 -23.02 -15.53
N LEU A 43 -12.44 -24.06 -15.25
CA LEU A 43 -12.66 -25.39 -15.80
C LEU A 43 -12.74 -26.46 -14.72
N GLN A 44 -13.59 -27.46 -14.96
CA GLN A 44 -13.76 -28.57 -14.04
C GLN A 44 -13.70 -29.86 -14.84
N ILE A 45 -12.92 -30.82 -14.35
CA ILE A 45 -12.78 -32.09 -15.03
C ILE A 45 -13.30 -33.19 -14.13
N LYS A 46 -14.34 -33.87 -14.60
CA LYS A 46 -14.96 -34.95 -13.83
C LYS A 46 -14.37 -36.31 -14.20
N GLY A 47 -14.00 -37.08 -13.19
CA GLY A 47 -13.43 -38.38 -13.45
C GLY A 47 -11.93 -38.43 -13.20
N LYS A 48 -11.41 -39.65 -13.17
CA LYS A 48 -9.99 -39.87 -12.95
C LYS A 48 -9.24 -40.02 -14.26
N ILE A 49 -8.29 -39.12 -14.52
CA ILE A 49 -7.49 -39.18 -15.74
C ILE A 49 -6.02 -39.33 -15.37
N ASN A 50 -5.14 -39.40 -16.36
CA ASN A 50 -3.73 -39.59 -16.08
C ASN A 50 -3.00 -38.37 -15.51
N SER A 51 -3.12 -37.23 -16.20
CA SER A 51 -2.46 -36.02 -15.74
C SER A 51 -3.02 -34.79 -16.41
N ILE A 52 -2.80 -33.65 -15.76
CA ILE A 52 -3.27 -32.35 -16.22
C ILE A 52 -2.08 -31.43 -16.38
N THR A 53 -2.22 -30.42 -17.23
CA THR A 53 -1.14 -29.45 -17.44
C THR A 53 -1.68 -28.05 -17.76
N VAL A 54 -1.41 -27.12 -16.86
CA VAL A 54 -1.83 -25.74 -17.02
C VAL A 54 -0.60 -25.01 -17.51
N ASP A 55 -0.57 -24.68 -18.80
CA ASP A 55 0.56 -24.00 -19.39
C ASP A 55 0.16 -22.66 -19.96
N ASN A 56 0.82 -21.60 -19.50
CA ASN A 56 0.55 -20.25 -19.99
C ASN A 56 -0.85 -19.73 -19.74
N CYS A 57 -1.34 -19.84 -18.52
CA CYS A 57 -2.68 -19.37 -18.19
C CYS A 57 -2.65 -18.26 -17.16
N LYS A 58 -3.66 -17.41 -17.20
CA LYS A 58 -3.77 -16.30 -16.27
C LYS A 58 -5.16 -16.35 -15.65
N LYS A 59 -5.23 -16.10 -14.34
CA LYS A 59 -6.50 -16.12 -13.64
C LYS A 59 -7.30 -17.36 -14.02
N LEU A 60 -6.64 -18.52 -13.98
CA LEU A 60 -7.31 -19.77 -14.31
C LEU A 60 -7.74 -20.51 -13.05
N GLY A 61 -8.96 -21.03 -13.08
CA GLY A 61 -9.49 -21.77 -11.95
C GLY A 61 -9.78 -23.19 -12.37
N LEU A 62 -9.06 -24.14 -11.78
CA LEU A 62 -9.23 -25.55 -12.10
C LEU A 62 -9.65 -26.36 -10.90
N VAL A 63 -10.51 -27.34 -11.14
CA VAL A 63 -10.95 -28.23 -10.09
C VAL A 63 -11.16 -29.58 -10.78
N PHE A 64 -10.47 -30.59 -10.27
CA PHE A 64 -10.56 -31.93 -10.84
C PHE A 64 -10.86 -32.97 -9.76
N ASP A 65 -11.16 -34.19 -10.18
CA ASP A 65 -11.48 -35.25 -9.23
C ASP A 65 -10.26 -36.06 -8.82
N ASP A 66 -9.73 -36.84 -9.75
CA ASP A 66 -8.56 -37.66 -9.47
C ASP A 66 -7.56 -37.59 -10.61
N VAL A 67 -6.29 -37.75 -10.27
CA VAL A 67 -5.23 -37.74 -11.26
C VAL A 67 -4.33 -38.91 -10.88
N VAL A 68 -3.96 -39.73 -11.85
CA VAL A 68 -3.13 -40.89 -11.58
C VAL A 68 -1.68 -40.49 -11.38
N GLY A 69 -1.25 -39.46 -12.09
CA GLY A 69 0.14 -39.06 -11.97
C GLY A 69 0.41 -37.67 -11.44
N ILE A 70 0.63 -36.73 -12.35
CA ILE A 70 0.98 -35.37 -12.00
C ILE A 70 0.07 -34.27 -12.57
N VAL A 71 0.06 -33.14 -11.89
CA VAL A 71 -0.70 -31.97 -12.29
C VAL A 71 0.35 -30.87 -12.36
N GLU A 72 0.60 -30.36 -13.56
CA GLU A 72 1.61 -29.33 -13.74
C GLU A 72 1.05 -27.95 -14.04
N ILE A 73 1.54 -26.96 -13.29
CA ILE A 73 1.13 -25.58 -13.50
C ILE A 73 2.42 -24.86 -13.88
N ILE A 74 2.64 -24.73 -15.19
CA ILE A 74 3.85 -24.09 -15.71
C ILE A 74 3.59 -22.77 -16.45
N ASN A 75 4.55 -21.85 -16.34
CA ASN A 75 4.47 -20.52 -16.97
C ASN A 75 3.13 -19.84 -16.77
N SER A 76 2.60 -19.83 -15.56
CA SER A 76 1.31 -19.19 -15.36
C SER A 76 1.26 -18.09 -14.29
N LYS A 77 0.13 -17.41 -14.23
CA LYS A 77 -0.09 -16.33 -13.27
C LYS A 77 -1.47 -16.47 -12.63
N ASP A 78 -1.51 -16.45 -11.30
CA ASP A 78 -2.76 -16.56 -10.54
C ASP A 78 -3.62 -17.76 -10.91
N VAL A 79 -3.08 -18.96 -10.68
CA VAL A 79 -3.78 -20.19 -10.97
C VAL A 79 -4.30 -20.78 -9.66
N LYS A 80 -5.50 -21.35 -9.70
CA LYS A 80 -6.12 -21.97 -8.54
C LYS A 80 -6.44 -23.41 -8.92
N VAL A 81 -5.89 -24.36 -8.17
CA VAL A 81 -6.13 -25.78 -8.44
C VAL A 81 -6.77 -26.43 -7.24
N GLN A 82 -7.74 -27.31 -7.50
CA GLN A 82 -8.43 -28.00 -6.41
C GLN A 82 -8.68 -29.47 -6.73
N VAL A 83 -8.36 -30.31 -5.76
CA VAL A 83 -8.56 -31.75 -5.89
C VAL A 83 -9.74 -32.11 -5.03
N MET A 84 -10.67 -32.87 -5.60
CA MET A 84 -11.80 -33.31 -4.81
C MET A 84 -11.34 -34.65 -4.25
N GLY A 85 -10.70 -35.44 -5.10
CA GLY A 85 -10.21 -36.74 -4.69
C GLY A 85 -8.74 -36.80 -4.35
N LYS A 86 -7.98 -37.55 -5.15
CA LYS A 86 -6.57 -37.74 -4.90
C LYS A 86 -5.64 -37.33 -6.04
N VAL A 87 -4.46 -36.82 -5.67
CA VAL A 87 -3.43 -36.42 -6.63
C VAL A 87 -2.06 -36.64 -5.97
N PRO A 88 -1.21 -37.46 -6.60
CA PRO A 88 0.13 -37.74 -6.05
C PRO A 88 1.05 -36.52 -5.95
N THR A 89 1.20 -35.80 -7.05
CA THR A 89 2.07 -34.63 -7.04
C THR A 89 1.52 -33.46 -7.85
N ILE A 90 1.76 -32.25 -7.35
CA ILE A 90 1.33 -31.02 -8.01
C ILE A 90 2.63 -30.24 -8.19
N SER A 91 3.05 -30.06 -9.44
CA SER A 91 4.29 -29.35 -9.72
C SER A 91 4.08 -27.94 -10.24
N ILE A 92 4.62 -26.97 -9.52
CA ILE A 92 4.51 -25.56 -9.90
C ILE A 92 5.84 -25.06 -10.44
N ASN A 93 5.86 -24.68 -11.71
CA ASN A 93 7.08 -24.23 -12.36
C ASN A 93 6.88 -22.90 -13.09
N LYS A 94 7.85 -22.00 -12.94
CA LYS A 94 7.80 -20.69 -13.58
C LYS A 94 6.40 -20.07 -13.44
N THR A 95 5.78 -20.24 -12.29
CA THR A 95 4.46 -19.70 -12.06
C THR A 95 4.42 -18.76 -10.85
N ASP A 96 3.70 -17.66 -11.01
CA ASP A 96 3.58 -16.66 -9.95
C ASP A 96 2.14 -16.58 -9.46
N GLY A 97 1.92 -16.95 -8.21
CA GLY A 97 0.58 -16.93 -7.65
C GLY A 97 -0.13 -18.21 -7.99
N CYS A 98 -0.17 -19.13 -7.02
CA CYS A 98 -0.82 -20.42 -7.21
C CYS A 98 -1.35 -20.94 -5.90
N HIS A 99 -2.62 -21.32 -5.87
CA HIS A 99 -3.24 -21.83 -4.67
C HIS A 99 -3.71 -23.24 -4.87
N ALA A 100 -3.07 -24.17 -4.16
CA ALA A 100 -3.41 -25.59 -4.26
C ALA A 100 -4.32 -26.02 -3.14
N TYR A 101 -5.57 -26.31 -3.47
CA TYR A 101 -6.55 -26.76 -2.51
C TYR A 101 -6.55 -28.27 -2.46
N LEU A 102 -6.14 -28.84 -1.32
CA LEU A 102 -6.11 -30.28 -1.20
C LEU A 102 -7.42 -30.78 -0.62
N SER A 103 -7.50 -32.09 -0.38
CA SER A 103 -8.69 -32.71 0.17
C SER A 103 -8.27 -33.76 1.20
N LYS A 104 -9.24 -34.28 1.93
CA LYS A 104 -8.96 -35.29 2.94
C LYS A 104 -8.22 -36.50 2.37
N ASN A 105 -8.36 -36.73 1.07
CA ASN A 105 -7.73 -37.88 0.41
C ASN A 105 -6.45 -37.62 -0.38
N SER A 106 -5.90 -36.41 -0.27
CA SER A 106 -4.67 -36.08 -0.99
C SER A 106 -3.79 -35.24 -0.10
N LEU A 107 -3.89 -35.46 1.20
CA LEU A 107 -3.09 -34.73 2.18
C LEU A 107 -1.66 -35.20 2.04
N ASP A 108 -1.48 -36.30 1.32
CA ASP A 108 -0.16 -36.89 1.10
C ASP A 108 0.42 -36.42 -0.22
N CYS A 109 -0.22 -35.41 -0.81
CA CYS A 109 0.21 -34.86 -2.09
C CYS A 109 1.56 -34.18 -1.91
N GLU A 110 2.41 -34.27 -2.93
CA GLU A 110 3.73 -33.66 -2.89
C GLU A 110 3.71 -32.40 -3.77
N ILE A 111 4.17 -31.28 -3.22
CA ILE A 111 4.19 -30.02 -3.97
C ILE A 111 5.58 -29.65 -4.44
N VAL A 112 5.88 -29.95 -5.69
CA VAL A 112 7.17 -29.63 -6.28
C VAL A 112 7.09 -28.22 -6.83
N SER A 113 8.10 -27.39 -6.52
CA SER A 113 8.12 -26.01 -6.99
C SER A 113 9.49 -25.61 -7.55
N ALA A 114 9.50 -24.59 -8.41
CA ALA A 114 10.73 -24.09 -9.00
C ALA A 114 10.44 -22.76 -9.71
N LYS A 115 11.37 -21.81 -9.58
CA LYS A 115 11.22 -20.49 -10.19
C LYS A 115 9.81 -19.93 -10.04
N SER A 116 9.15 -20.28 -8.95
CA SER A 116 7.79 -19.79 -8.71
C SER A 116 7.67 -18.94 -7.46
N SER A 117 6.61 -18.14 -7.40
CA SER A 117 6.36 -17.27 -6.27
C SER A 117 4.89 -17.30 -5.87
N GLU A 118 4.60 -16.70 -4.72
CA GLU A 118 3.25 -16.61 -4.17
C GLU A 118 2.44 -17.90 -4.21
N MET A 119 3.01 -18.98 -3.68
CA MET A 119 2.30 -20.26 -3.66
C MET A 119 1.76 -20.55 -2.28
N ASN A 120 0.53 -21.08 -2.24
CA ASN A 120 -0.13 -21.42 -0.99
C ASN A 120 -0.82 -22.75 -1.12
N VAL A 121 -0.75 -23.56 -0.08
CA VAL A 121 -1.40 -24.86 -0.06
C VAL A 121 -2.54 -24.72 0.93
N LEU A 122 -3.76 -24.92 0.47
CA LEU A 122 -4.91 -24.80 1.35
C LEU A 122 -5.22 -26.20 1.86
N ILE A 123 -5.29 -26.34 3.18
CA ILE A 123 -5.58 -27.62 3.81
C ILE A 123 -7.03 -27.63 4.28
N PRO A 124 -7.78 -28.69 3.96
CA PRO A 124 -9.18 -28.81 4.35
C PRO A 124 -9.39 -29.12 5.83
N THR A 125 -10.48 -28.58 6.38
CA THR A 125 -10.82 -28.80 7.78
C THR A 125 -12.32 -29.12 7.87
N GLU A 126 -12.68 -29.96 8.84
CA GLU A 126 -14.07 -30.35 9.04
C GLU A 126 -15.03 -29.16 9.00
N GLY A 127 -15.64 -28.95 7.84
CA GLY A 127 -16.57 -27.84 7.71
C GLY A 127 -16.45 -27.06 6.42
N GLY A 128 -15.87 -27.67 5.40
CA GLY A 128 -15.72 -27.00 4.12
C GLY A 128 -14.85 -25.77 4.15
N ASP A 129 -13.95 -25.69 5.13
CA ASP A 129 -13.05 -24.55 5.23
C ASP A 129 -11.64 -25.00 4.95
N PHE A 130 -10.77 -24.03 4.68
CA PHE A 130 -9.39 -24.32 4.38
C PHE A 130 -8.49 -23.42 5.19
N ASN A 131 -7.33 -23.97 5.55
CA ASN A 131 -6.33 -23.22 6.28
C ASN A 131 -5.31 -22.94 5.19
N GLU A 132 -4.69 -21.76 5.22
CA GLU A 132 -3.71 -21.41 4.22
C GLU A 132 -2.29 -21.49 4.75
N PHE A 133 -1.39 -22.06 3.95
CA PHE A 133 0.03 -22.18 4.32
C PHE A 133 0.86 -21.80 3.11
N PRO A 134 1.80 -20.87 3.27
CA PRO A 134 2.62 -20.47 2.11
C PRO A 134 3.82 -21.38 1.93
N VAL A 135 4.09 -21.77 0.70
CA VAL A 135 5.25 -22.61 0.45
C VAL A 135 6.42 -21.65 0.18
N PRO A 136 7.60 -21.94 0.75
CA PRO A 136 8.82 -21.15 0.62
C PRO A 136 9.26 -20.87 -0.81
N GLU A 137 9.74 -19.66 -1.05
CA GLU A 137 10.22 -19.32 -2.38
C GLU A 137 11.64 -18.78 -2.34
N GLN A 138 12.22 -18.69 -1.14
CA GLN A 138 13.59 -18.21 -1.01
C GLN A 138 14.44 -19.21 -0.24
N PHE A 139 15.71 -19.29 -0.59
CA PHE A 139 16.61 -20.24 0.06
C PHE A 139 18.01 -19.71 0.34
N LYS A 140 18.56 -20.11 1.49
CA LYS A 140 19.89 -19.69 1.92
C LYS A 140 20.82 -20.89 1.74
N THR A 141 21.88 -20.69 0.97
CA THR A 141 22.85 -21.75 0.72
C THR A 141 24.21 -21.42 1.32
N LEU A 142 24.85 -22.43 1.90
CA LEU A 142 26.14 -22.24 2.55
C LEU A 142 27.16 -23.29 2.10
N TRP A 143 28.45 -22.96 2.23
CA TRP A 143 29.52 -23.88 1.86
C TRP A 143 30.04 -24.60 3.11
N ASN A 144 30.05 -25.92 3.04
CA ASN A 144 30.47 -26.81 4.13
C ASN A 144 31.98 -26.91 4.32
N GLY A 145 32.68 -26.92 3.20
CA GLY A 145 34.11 -27.09 3.19
C GLY A 145 34.20 -28.44 2.52
N GLN A 146 33.02 -29.00 2.30
CA GLN A 146 32.86 -30.31 1.68
C GLN A 146 31.78 -30.23 0.60
N LYS A 147 30.74 -29.44 0.88
CA LYS A 147 29.63 -29.31 -0.06
C LYS A 147 28.73 -28.14 0.30
N LEU A 148 27.71 -27.91 -0.50
CA LEU A 148 26.76 -26.84 -0.26
C LEU A 148 25.60 -27.38 0.56
N VAL A 149 25.20 -26.65 1.60
CA VAL A 149 24.09 -27.06 2.43
C VAL A 149 23.02 -25.98 2.35
N THR A 150 21.88 -26.34 1.76
CA THR A 150 20.78 -25.40 1.58
C THR A 150 19.66 -25.49 2.60
N THR A 151 19.25 -24.32 3.07
CA THR A 151 18.18 -24.20 4.04
C THR A 151 17.05 -23.43 3.38
N VAL A 152 15.83 -23.65 3.85
CA VAL A 152 14.67 -22.98 3.29
C VAL A 152 14.26 -21.84 4.19
N THR A 153 14.03 -20.67 3.60
CA THR A 153 13.58 -19.54 4.41
C THR A 153 12.06 -19.62 4.40
N GLU A 154 11.52 -20.10 5.50
CA GLU A 154 10.09 -20.26 5.70
C GLU A 154 9.31 -18.96 5.57
N ILE A 155 8.21 -19.03 4.84
CA ILE A 155 7.38 -17.86 4.62
C ILE A 155 6.26 -17.71 5.65
N ALA A 156 5.92 -16.46 5.97
CA ALA A 156 4.84 -16.16 6.89
C ALA A 156 4.06 -15.05 6.21
N GLY A 157 2.78 -14.91 6.58
CA GLY A 157 1.93 -13.91 5.95
C GLY A 157 2.25 -12.45 6.16
N PRO B 1 22.18 6.98 -23.06
CA PRO B 1 23.63 6.97 -23.24
C PRO B 1 24.38 6.34 -22.06
N ALA B 2 25.45 5.61 -22.38
CA ALA B 2 26.26 4.95 -21.37
C ALA B 2 26.67 5.90 -20.25
N VAL B 3 26.44 5.46 -19.02
CA VAL B 3 26.78 6.25 -17.83
C VAL B 3 27.75 5.47 -16.95
N LEU B 4 28.62 6.21 -16.27
CA LEU B 4 29.60 5.65 -15.37
C LEU B 4 30.18 6.82 -14.61
N GLU B 5 29.55 7.13 -13.48
CA GLU B 5 29.99 8.26 -12.67
C GLU B 5 29.45 8.18 -11.25
N LEU B 6 30.25 8.66 -10.31
CA LEU B 6 29.81 8.66 -8.92
C LEU B 6 28.80 9.78 -8.79
N GLU B 7 27.67 9.48 -8.17
CA GLU B 7 26.63 10.46 -7.97
C GLU B 7 26.29 10.37 -6.50
N GLY B 8 27.06 11.08 -5.68
CA GLY B 8 26.85 11.06 -4.25
C GLY B 8 27.64 9.88 -3.71
N LYS B 9 26.94 8.91 -3.13
CA LYS B 9 27.58 7.71 -2.60
C LYS B 9 27.45 6.62 -3.65
N LYS B 10 26.53 6.85 -4.58
CA LYS B 10 26.23 5.89 -5.64
C LYS B 10 27.08 5.93 -6.90
N TRP B 11 27.73 4.81 -7.19
CA TRP B 11 28.56 4.66 -8.38
C TRP B 11 27.60 4.16 -9.46
N ARG B 12 27.17 5.07 -10.32
CA ARG B 12 26.24 4.70 -11.38
C ARG B 12 26.94 4.25 -12.66
N VAL B 13 26.72 3.00 -13.03
CA VAL B 13 27.28 2.48 -14.26
C VAL B 13 26.10 1.78 -14.92
N GLU B 14 25.62 2.39 -15.99
CA GLU B 14 24.45 1.88 -16.69
C GLU B 14 24.50 2.05 -18.20
N ASN B 15 23.68 1.26 -18.89
CA ASN B 15 23.59 1.32 -20.34
C ASN B 15 24.87 0.95 -21.08
N GLN B 16 25.79 0.32 -20.38
CA GLN B 16 27.04 -0.08 -20.98
C GLN B 16 26.77 -1.19 -22.00
N GLU B 17 27.47 -1.16 -23.12
CA GLU B 17 27.28 -2.16 -24.16
C GLU B 17 28.59 -2.55 -24.83
N ASN B 18 28.92 -3.82 -24.74
CA ASN B 18 30.12 -4.37 -25.36
C ASN B 18 31.44 -3.75 -24.92
N VAL B 19 31.46 -3.21 -23.70
CA VAL B 19 32.68 -2.66 -23.13
C VAL B 19 33.23 -3.80 -22.31
N SER B 20 34.48 -3.72 -21.88
CA SER B 20 35.04 -4.81 -21.09
C SER B 20 36.23 -4.43 -20.24
N ASN B 21 36.56 -3.14 -20.24
CA ASN B 21 37.71 -2.67 -19.47
C ASN B 21 37.29 -1.75 -18.33
N LEU B 22 35.99 -1.57 -18.16
CA LEU B 22 35.48 -0.71 -17.10
C LEU B 22 36.15 -1.02 -15.77
N VAL B 23 36.60 0.04 -15.09
CA VAL B 23 37.26 -0.11 -13.79
C VAL B 23 36.95 1.10 -12.92
N ILE B 24 36.65 0.85 -11.65
CA ILE B 24 36.37 1.91 -10.70
C ILE B 24 37.50 1.87 -9.67
N GLU B 25 38.58 2.59 -9.99
CA GLU B 25 39.79 2.66 -9.16
C GLU B 25 39.58 3.20 -7.76
N ASP B 26 39.17 4.48 -7.68
CA ASP B 26 38.92 5.13 -6.41
C ASP B 26 37.81 4.34 -5.75
N THR B 27 37.51 4.69 -4.50
CA THR B 27 36.46 4.00 -3.77
C THR B 27 36.46 4.43 -2.32
N GLU B 28 35.26 4.52 -1.75
CA GLU B 28 35.10 4.90 -0.36
C GLU B 28 34.25 3.84 0.34
N LEU B 29 34.58 3.56 1.58
CA LEU B 29 33.88 2.54 2.36
C LEU B 29 32.36 2.67 2.45
N LYS B 30 31.83 3.87 2.28
CA LYS B 30 30.38 4.06 2.38
C LYS B 30 29.65 4.14 1.05
N GLN B 31 30.40 4.01 -0.04
CA GLN B 31 29.81 4.08 -1.36
C GLN B 31 29.07 2.79 -1.69
N VAL B 32 28.38 2.81 -2.82
CA VAL B 32 27.64 1.66 -3.29
C VAL B 32 27.70 1.73 -4.81
N ALA B 33 27.46 0.59 -5.46
CA ALA B 33 27.49 0.55 -6.91
C ALA B 33 26.16 0.03 -7.42
N TYR B 34 25.69 0.62 -8.53
CA TYR B 34 24.45 0.20 -9.14
C TYR B 34 24.66 0.00 -10.63
N ILE B 35 24.89 -1.25 -11.02
CA ILE B 35 25.11 -1.58 -12.41
C ILE B 35 23.74 -1.87 -13.02
N TYR B 36 23.27 -0.96 -13.87
CA TYR B 36 21.95 -1.09 -14.51
C TYR B 36 22.00 -1.21 -16.04
N LYS B 37 21.06 -1.98 -16.57
CA LYS B 37 20.95 -2.21 -18.01
C LYS B 37 22.29 -2.26 -18.75
N CYS B 38 23.18 -3.14 -18.31
CA CYS B 38 24.48 -3.30 -18.96
C CYS B 38 24.51 -4.70 -19.57
N VAL B 39 24.85 -4.80 -20.84
CA VAL B 39 24.92 -6.11 -21.48
C VAL B 39 26.28 -6.33 -22.12
N ASN B 40 26.74 -7.57 -22.09
CA ASN B 40 28.04 -7.92 -22.65
C ASN B 40 29.12 -6.97 -22.16
N THR B 41 29.02 -6.60 -20.89
CA THR B 41 29.95 -5.67 -20.26
C THR B 41 30.77 -6.37 -19.18
N THR B 42 31.95 -5.83 -18.90
CA THR B 42 32.81 -6.38 -17.86
C THR B 42 33.30 -5.21 -17.02
N LEU B 43 33.03 -5.27 -15.72
CA LEU B 43 33.38 -4.22 -14.78
C LEU B 43 34.14 -4.75 -13.58
N GLN B 44 35.06 -3.94 -13.07
CA GLN B 44 35.83 -4.32 -11.89
C GLN B 44 35.82 -3.14 -10.92
N ILE B 45 35.58 -3.41 -9.65
CA ILE B 45 35.55 -2.36 -8.65
C ILE B 45 36.65 -2.61 -7.62
N LYS B 46 37.61 -1.69 -7.56
CA LYS B 46 38.73 -1.81 -6.64
C LYS B 46 38.46 -1.12 -5.32
N GLY B 47 38.65 -1.87 -4.23
CA GLY B 47 38.41 -1.31 -2.91
C GLY B 47 37.17 -1.86 -2.23
N LYS B 48 37.04 -1.55 -0.94
CA LYS B 48 35.90 -2.01 -0.15
C LYS B 48 34.80 -0.96 -0.07
N ILE B 49 33.62 -1.32 -0.56
CA ILE B 49 32.47 -0.41 -0.51
C ILE B 49 31.35 -1.10 0.24
N ASN B 50 30.24 -0.39 0.44
CA ASN B 50 29.12 -0.93 1.19
C ASN B 50 28.34 -2.04 0.52
N SER B 51 27.94 -1.85 -0.73
CA SER B 51 27.19 -2.88 -1.44
C SER B 51 27.11 -2.63 -2.94
N ILE B 52 26.83 -3.70 -3.67
CA ILE B 52 26.72 -3.64 -5.13
C ILE B 52 25.35 -4.16 -5.53
N THR B 53 24.87 -3.75 -6.69
CA THR B 53 23.57 -4.20 -7.19
C THR B 53 23.55 -4.29 -8.70
N VAL B 54 23.44 -5.51 -9.21
CA VAL B 54 23.37 -5.74 -10.64
C VAL B 54 21.90 -5.90 -10.96
N ASP B 55 21.31 -4.88 -11.56
CA ASP B 55 19.91 -4.91 -11.93
C ASP B 55 19.71 -4.80 -13.43
N ASN B 56 18.99 -5.76 -13.99
CA ASN B 56 18.69 -5.80 -15.43
C ASN B 56 19.92 -5.82 -16.33
N CYS B 57 20.83 -6.76 -16.09
CA CYS B 57 22.02 -6.89 -16.92
C CYS B 57 22.06 -8.22 -17.62
N LYS B 58 22.67 -8.24 -18.80
CA LYS B 58 22.79 -9.46 -19.59
C LYS B 58 24.26 -9.64 -19.91
N LYS B 59 24.76 -10.87 -19.80
CA LYS B 59 26.15 -11.15 -20.09
C LYS B 59 27.06 -10.14 -19.36
N LEU B 60 26.82 -9.95 -18.07
CA LEU B 60 27.65 -9.00 -17.30
C LEU B 60 28.72 -9.72 -16.49
N GLY B 61 29.94 -9.19 -16.53
CA GLY B 61 31.03 -9.78 -15.80
C GLY B 61 31.54 -8.80 -14.76
N LEU B 62 31.31 -9.11 -13.48
CA LEU B 62 31.73 -8.25 -12.40
C LEU B 62 32.75 -8.92 -11.48
N VAL B 63 33.68 -8.12 -11.00
CA VAL B 63 34.70 -8.61 -10.08
C VAL B 63 35.01 -7.46 -9.14
N PHE B 64 34.85 -7.71 -7.84
CA PHE B 64 35.08 -6.70 -6.84
C PHE B 64 36.02 -7.22 -5.77
N ASP B 65 36.46 -6.34 -4.88
CA ASP B 65 37.39 -6.70 -3.81
C ASP B 65 36.65 -7.08 -2.52
N ASP B 66 36.08 -6.08 -1.86
CA ASP B 66 35.36 -6.29 -0.61
C ASP B 66 34.03 -5.55 -0.59
N VAL B 67 33.07 -6.12 0.11
CA VAL B 67 31.77 -5.50 0.25
C VAL B 67 31.43 -5.63 1.73
N VAL B 68 30.92 -4.56 2.32
CA VAL B 68 30.59 -4.58 3.74
C VAL B 68 29.28 -5.29 4.01
N GLY B 69 28.36 -5.22 3.06
CA GLY B 69 27.08 -5.85 3.25
C GLY B 69 26.66 -6.89 2.24
N ILE B 70 25.86 -6.46 1.27
CA ILE B 70 25.29 -7.36 0.28
C ILE B 70 25.57 -7.06 -1.20
N VAL B 71 25.60 -8.11 -2.01
CA VAL B 71 25.79 -7.99 -3.44
C VAL B 71 24.53 -8.58 -4.05
N GLU B 72 23.75 -7.75 -4.75
CA GLU B 72 22.51 -8.20 -5.35
C GLU B 72 22.56 -8.35 -6.86
N ILE B 73 22.06 -9.47 -7.35
CA ILE B 73 22.00 -9.72 -8.77
C ILE B 73 20.52 -9.95 -9.02
N ILE B 74 19.81 -8.90 -9.40
CA ILE B 74 18.38 -9.01 -9.63
C ILE B 74 17.98 -8.80 -11.09
N ASN B 75 16.92 -9.48 -11.51
CA ASN B 75 16.38 -9.41 -12.88
C ASN B 75 17.45 -9.48 -13.97
N SER B 76 18.38 -10.44 -13.87
CA SER B 76 19.43 -10.52 -14.88
C SER B 76 19.56 -11.87 -15.59
N LYS B 77 20.43 -11.90 -16.58
CA LYS B 77 20.69 -13.10 -17.37
C LYS B 77 22.18 -13.25 -17.61
N ASP B 78 22.71 -14.42 -17.26
CA ASP B 78 24.12 -14.74 -17.43
C ASP B 78 25.06 -13.71 -16.82
N VAL B 79 25.04 -13.62 -15.49
CA VAL B 79 25.88 -12.70 -14.75
C VAL B 79 26.97 -13.50 -14.05
N LYS B 80 28.18 -12.96 -14.05
CA LYS B 80 29.32 -13.61 -13.41
C LYS B 80 29.85 -12.64 -12.37
N VAL B 81 29.93 -13.09 -11.12
CA VAL B 81 30.41 -12.27 -10.03
C VAL B 81 31.61 -12.93 -9.36
N GLN B 82 32.60 -12.14 -9.01
CA GLN B 82 33.77 -12.68 -8.36
C GLN B 82 34.26 -11.79 -7.23
N VAL B 83 34.57 -12.41 -6.10
CA VAL B 83 35.07 -11.71 -4.92
C VAL B 83 36.56 -12.00 -4.82
N MET B 84 37.38 -10.97 -4.67
CA MET B 84 38.80 -11.20 -4.51
C MET B 84 39.00 -11.36 -3.01
N GLY B 85 38.27 -10.54 -2.26
CA GLY B 85 38.35 -10.56 -0.81
C GLY B 85 37.17 -11.19 -0.09
N LYS B 86 36.42 -10.36 0.63
CA LYS B 86 35.30 -10.83 1.43
C LYS B 86 33.92 -10.18 1.18
N VAL B 87 32.89 -11.01 1.17
CA VAL B 87 31.51 -10.56 0.99
C VAL B 87 30.60 -11.45 1.84
N PRO B 88 29.79 -10.82 2.72
CA PRO B 88 28.88 -11.56 3.60
C PRO B 88 27.80 -12.36 2.90
N THR B 89 27.06 -11.69 2.01
CA THR B 89 25.99 -12.37 1.30
C THR B 89 25.85 -11.91 -0.15
N ILE B 90 25.51 -12.87 -1.02
CA ILE B 90 25.30 -12.61 -2.44
C ILE B 90 23.88 -13.08 -2.67
N SER B 91 22.99 -12.15 -3.00
CA SER B 91 21.59 -12.50 -3.23
C SER B 91 21.22 -12.50 -4.69
N ILE B 92 20.73 -13.64 -5.16
CA ILE B 92 20.32 -13.78 -6.55
C ILE B 92 18.79 -13.83 -6.60
N ASN B 93 18.20 -12.84 -7.27
CA ASN B 93 16.75 -12.74 -7.39
C ASN B 93 16.30 -12.54 -8.83
N LYS B 94 15.28 -13.29 -9.24
CA LYS B 94 14.75 -13.20 -10.59
C LYS B 94 15.86 -13.18 -11.63
N THR B 95 16.90 -13.99 -11.41
CA THR B 95 18.02 -14.06 -12.34
C THR B 95 18.24 -15.47 -12.89
N ASP B 96 18.48 -15.56 -14.18
CA ASP B 96 18.71 -16.84 -14.85
C ASP B 96 20.14 -16.96 -15.34
N GLY B 97 20.92 -17.81 -14.68
CA GLY B 97 22.31 -17.98 -15.07
C GLY B 97 23.18 -17.03 -14.27
N CYS B 98 23.79 -17.55 -13.21
CA CYS B 98 24.67 -16.73 -12.38
C CYS B 98 25.75 -17.62 -11.81
N HIS B 99 26.99 -17.16 -11.92
CA HIS B 99 28.12 -17.91 -11.40
C HIS B 99 28.84 -17.06 -10.39
N ALA B 100 28.82 -17.51 -9.13
CA ALA B 100 29.47 -16.78 -8.06
C ALA B 100 30.82 -17.40 -7.73
N TYR B 101 31.89 -16.67 -8.03
CA TYR B 101 33.25 -17.14 -7.75
C TYR B 101 33.62 -16.62 -6.37
N LEU B 102 33.88 -17.51 -5.43
CA LEU B 102 34.25 -17.08 -4.10
C LEU B 102 35.76 -17.04 -3.97
N SER B 103 36.24 -16.77 -2.77
CA SER B 103 37.67 -16.69 -2.52
C SER B 103 37.98 -17.31 -1.17
N LYS B 104 39.26 -17.51 -0.90
CA LYS B 104 39.67 -18.12 0.36
C LYS B 104 39.11 -17.35 1.56
N ASN B 105 38.79 -16.06 1.35
CA ASN B 105 38.31 -15.22 2.44
C ASN B 105 36.80 -14.96 2.52
N SER B 106 36.02 -15.60 1.65
CA SER B 106 34.58 -15.42 1.68
C SER B 106 33.88 -16.74 1.46
N LEU B 107 34.53 -17.81 1.92
CA LEU B 107 34.02 -19.16 1.80
C LEU B 107 32.81 -19.27 2.72
N ASP B 108 32.68 -18.29 3.60
CA ASP B 108 31.58 -18.23 4.55
C ASP B 108 30.46 -17.37 4.01
N CYS B 109 30.56 -17.03 2.73
CA CYS B 109 29.53 -16.20 2.11
C CYS B 109 28.23 -16.99 2.05
N GLU B 110 27.13 -16.27 2.16
CA GLU B 110 25.81 -16.87 2.14
C GLU B 110 25.14 -16.56 0.81
N ILE B 111 24.62 -17.59 0.14
CA ILE B 111 23.97 -17.40 -1.15
C ILE B 111 22.45 -17.48 -1.09
N VAL B 112 21.81 -16.32 -1.01
CA VAL B 112 20.37 -16.23 -0.96
C VAL B 112 19.83 -16.23 -2.38
N SER B 113 18.88 -17.10 -2.67
CA SER B 113 18.30 -17.21 -4.01
C SER B 113 16.77 -17.25 -4.02
N ALA B 114 16.19 -16.82 -5.12
CA ALA B 114 14.72 -16.80 -5.29
C ALA B 114 14.34 -16.57 -6.75
N LYS B 115 13.33 -17.30 -7.22
CA LYS B 115 12.85 -17.19 -8.59
C LYS B 115 13.98 -17.19 -9.60
N SER B 116 15.09 -17.83 -9.24
CA SER B 116 16.24 -17.88 -10.13
C SER B 116 16.56 -19.28 -10.61
N SER B 117 17.35 -19.35 -11.67
CA SER B 117 17.76 -20.62 -12.24
C SER B 117 19.23 -20.58 -12.65
N GLU B 118 19.74 -21.75 -13.04
CA GLU B 118 21.12 -21.92 -13.47
C GLU B 118 22.18 -21.18 -12.64
N MET B 119 22.16 -21.39 -11.33
CA MET B 119 23.15 -20.75 -10.46
C MET B 119 24.22 -21.73 -10.04
N ASN B 120 25.46 -21.26 -10.02
CA ASN B 120 26.59 -22.09 -9.62
C ASN B 120 27.52 -21.27 -8.73
N VAL B 121 28.10 -21.93 -7.74
CA VAL B 121 29.05 -21.29 -6.83
C VAL B 121 30.39 -21.92 -7.14
N LEU B 122 31.36 -21.12 -7.55
CA LEU B 122 32.69 -21.64 -7.86
C LEU B 122 33.59 -21.49 -6.63
N ILE B 123 34.10 -22.62 -6.15
CA ILE B 123 34.96 -22.65 -4.99
C ILE B 123 36.42 -22.71 -5.40
N PRO B 124 37.25 -21.81 -4.86
CA PRO B 124 38.68 -21.79 -5.19
C PRO B 124 39.46 -22.97 -4.64
N THR B 125 40.52 -23.35 -5.34
CA THR B 125 41.37 -24.46 -4.95
C THR B 125 42.83 -24.07 -5.20
N GLU B 126 43.72 -24.56 -4.33
CA GLU B 126 45.15 -24.27 -4.44
C GLU B 126 45.64 -24.39 -5.88
N GLY B 127 45.67 -23.26 -6.58
CA GLY B 127 46.13 -23.28 -7.97
C GLY B 127 45.35 -22.42 -8.94
N GLY B 128 44.64 -21.41 -8.43
CA GLY B 128 43.88 -20.54 -9.31
C GLY B 128 42.78 -21.25 -10.09
N ASP B 129 42.31 -22.37 -9.56
CA ASP B 129 41.25 -23.12 -10.21
C ASP B 129 39.99 -23.07 -9.35
N PHE B 130 38.87 -23.42 -9.96
CA PHE B 130 37.60 -23.41 -9.25
C PHE B 130 36.86 -24.70 -9.47
N ASN B 131 36.10 -25.11 -8.47
CA ASN B 131 35.28 -26.31 -8.52
C ASN B 131 33.88 -25.74 -8.68
N GLU B 132 33.05 -26.37 -9.48
CA GLU B 132 31.70 -25.86 -9.67
C GLU B 132 30.65 -26.66 -8.93
N PHE B 133 29.73 -25.95 -8.30
CA PHE B 133 28.65 -26.57 -7.55
C PHE B 133 27.36 -25.87 -7.91
N PRO B 134 26.34 -26.61 -8.34
CA PRO B 134 25.07 -25.97 -8.71
C PRO B 134 24.17 -25.78 -7.49
N VAL B 135 23.61 -24.59 -7.33
CA VAL B 135 22.71 -24.35 -6.21
C VAL B 135 21.31 -24.75 -6.66
N PRO B 136 20.57 -25.45 -5.78
CA PRO B 136 19.21 -25.93 -6.03
C PRO B 136 18.20 -24.89 -6.48
N GLU B 137 17.35 -25.27 -7.43
CA GLU B 137 16.33 -24.34 -7.90
C GLU B 137 14.95 -24.95 -7.81
N GLN B 138 14.87 -26.21 -7.41
CA GLN B 138 13.58 -26.89 -7.27
C GLN B 138 13.38 -27.41 -5.84
N PHE B 139 12.13 -27.38 -5.37
CA PHE B 139 11.84 -27.83 -4.01
C PHE B 139 10.56 -28.66 -3.87
N LYS B 140 10.64 -29.67 -3.01
CA LYS B 140 9.52 -30.57 -2.75
C LYS B 140 8.93 -30.21 -1.39
N THR B 141 7.64 -29.92 -1.36
CA THR B 141 6.96 -29.54 -0.13
C THR B 141 5.89 -30.58 0.25
N LEU B 142 5.80 -30.89 1.54
CA LEU B 142 4.86 -31.88 2.05
C LEU B 142 4.08 -31.39 3.27
N TRP B 143 2.86 -31.90 3.46
CA TRP B 143 2.03 -31.52 4.59
C TRP B 143 2.24 -32.48 5.75
N ASN B 144 2.53 -31.90 6.91
CA ASN B 144 2.81 -32.62 8.14
C ASN B 144 1.58 -33.16 8.85
N GLY B 145 0.52 -32.36 8.83
CA GLY B 145 -0.69 -32.69 9.54
C GLY B 145 -0.63 -31.61 10.60
N GLN B 146 0.48 -30.88 10.57
CA GLN B 146 0.74 -29.79 11.49
C GLN B 146 1.27 -28.57 10.73
N LYS B 147 2.10 -28.82 9.72
CA LYS B 147 2.68 -27.74 8.93
C LYS B 147 3.28 -28.27 7.64
N LEU B 148 3.84 -27.36 6.84
CA LEU B 148 4.47 -27.76 5.58
C LEU B 148 5.95 -27.98 5.85
N VAL B 149 6.50 -29.04 5.29
CA VAL B 149 7.92 -29.33 5.47
C VAL B 149 8.56 -29.39 4.09
N THR B 150 9.40 -28.39 3.80
CA THR B 150 10.04 -28.27 2.50
C THR B 150 11.44 -28.87 2.40
N THR B 151 11.65 -29.66 1.35
CA THR B 151 12.93 -30.31 1.10
C THR B 151 13.51 -29.72 -0.19
N VAL B 152 14.84 -29.75 -0.31
CA VAL B 152 15.51 -29.22 -1.48
C VAL B 152 15.88 -30.34 -2.42
N THR B 153 15.55 -30.19 -3.70
CA THR B 153 15.93 -31.19 -4.67
C THR B 153 17.30 -30.75 -5.17
N GLU B 154 18.33 -31.44 -4.68
CA GLU B 154 19.72 -31.16 -5.03
C GLU B 154 20.00 -31.31 -6.52
N ILE B 155 20.73 -30.34 -7.06
CA ILE B 155 21.08 -30.33 -8.47
C ILE B 155 22.42 -31.03 -8.76
N ALA B 156 22.47 -31.70 -9.90
CA ALA B 156 23.67 -32.39 -10.34
C ALA B 156 23.85 -32.05 -11.82
N GLY B 157 25.09 -32.05 -12.31
CA GLY B 157 25.37 -31.68 -13.69
C GLY B 157 24.71 -32.45 -14.82
N PRO C 1 -12.40 49.48 -0.25
CA PRO C 1 -12.07 50.38 0.85
C PRO C 1 -12.60 49.92 2.20
N ALA C 2 -11.82 50.14 3.24
CA ALA C 2 -12.19 49.76 4.60
C ALA C 2 -13.59 50.24 4.97
N VAL C 3 -14.41 49.32 5.44
CA VAL C 3 -15.77 49.64 5.84
C VAL C 3 -15.97 49.32 7.33
N LEU C 4 -16.82 50.11 7.99
CA LEU C 4 -17.15 49.93 9.40
C LEU C 4 -18.34 50.83 9.67
N GLU C 5 -19.53 50.28 9.49
CA GLU C 5 -20.75 51.05 9.68
C GLU C 5 -21.94 50.12 9.84
N LEU C 6 -22.92 50.57 10.61
CA LEU C 6 -24.13 49.79 10.81
C LEU C 6 -24.95 49.97 9.55
N GLU C 7 -25.47 48.87 9.03
CA GLU C 7 -26.30 48.91 7.83
C GLU C 7 -27.53 48.10 8.16
N GLY C 8 -28.46 48.72 8.86
CA GLY C 8 -29.67 48.03 9.25
C GLY C 8 -29.40 47.48 10.63
N LYS C 9 -29.44 46.15 10.75
CA LYS C 9 -29.18 45.48 12.01
C LYS C 9 -27.72 45.02 11.96
N LYS C 10 -27.18 44.97 10.74
CA LYS C 10 -25.83 44.50 10.49
C LYS C 10 -24.69 45.50 10.64
N TRP C 11 -23.75 45.17 11.53
CA TRP C 11 -22.58 45.98 11.77
C TRP C 11 -21.49 45.50 10.81
N ARG C 12 -21.38 46.17 9.68
CA ARG C 12 -20.40 45.80 8.68
C ARG C 12 -19.02 46.35 8.95
N VAL C 13 -18.06 45.46 9.17
CA VAL C 13 -16.68 45.85 9.38
C VAL C 13 -15.91 44.92 8.46
N GLU C 14 -15.41 45.48 7.36
CA GLU C 14 -14.71 44.70 6.36
C GLU C 14 -13.53 45.43 5.74
N ASN C 15 -12.67 44.66 5.09
CA ASN C 15 -11.50 45.19 4.41
C ASN C 15 -10.51 45.94 5.31
N GLN C 16 -10.64 45.77 6.62
CA GLN C 16 -9.73 46.42 7.55
C GLN C 16 -8.34 45.82 7.42
N GLU C 17 -7.31 46.66 7.53
CA GLU C 17 -5.93 46.21 7.42
C GLU C 17 -5.01 46.94 8.39
N ASN C 18 -4.32 46.18 9.23
CA ASN C 18 -3.37 46.71 10.20
C ASN C 18 -3.91 47.75 11.18
N VAL C 19 -5.22 47.73 11.41
CA VAL C 19 -5.85 48.64 12.36
C VAL C 19 -5.86 47.83 13.65
N SER C 20 -6.09 48.47 14.79
CA SER C 20 -6.08 47.69 16.03
C SER C 20 -6.86 48.34 17.16
N ASN C 21 -7.50 49.47 16.88
CA ASN C 21 -8.27 50.18 17.89
C ASN C 21 -9.77 50.14 17.62
N LEU C 22 -10.17 49.50 16.54
CA LEU C 22 -11.58 49.41 16.19
C LEU C 22 -12.45 49.06 17.39
N VAL C 23 -13.52 49.83 17.57
CA VAL C 23 -14.44 49.61 18.67
C VAL C 23 -15.87 49.98 18.26
N ILE C 24 -16.82 49.16 18.67
CA ILE C 24 -18.22 49.41 18.37
C ILE C 24 -18.91 49.65 19.70
N GLU C 25 -18.90 50.93 20.11
CA GLU C 25 -19.47 51.38 21.38
C GLU C 25 -20.96 51.14 21.53
N ASP C 26 -21.74 51.77 20.64
CA ASP C 26 -23.18 51.62 20.65
C ASP C 26 -23.48 50.16 20.36
N THR C 27 -24.73 49.77 20.50
CA THR C 27 -25.12 48.39 20.24
C THR C 27 -26.57 48.16 20.61
N GLU C 28 -27.24 47.31 19.84
CA GLU C 28 -28.63 46.98 20.11
C GLU C 28 -28.74 45.47 20.17
N LEU C 29 -29.57 44.99 21.08
CA LEU C 29 -29.78 43.57 21.30
C LEU C 29 -30.11 42.73 20.07
N LYS C 30 -30.72 43.32 19.06
CA LYS C 30 -31.08 42.57 17.87
C LYS C 30 -30.09 42.68 16.71
N GLN C 31 -29.03 43.46 16.90
CA GLN C 31 -28.03 43.64 15.86
C GLN C 31 -27.15 42.41 15.72
N VAL C 32 -26.32 42.41 14.69
CA VAL C 32 -25.37 41.33 14.43
C VAL C 32 -24.15 42.01 13.85
N ALA C 33 -23.03 41.30 13.83
CA ALA C 33 -21.81 41.87 13.28
C ALA C 33 -21.22 40.92 12.26
N TYR C 34 -20.71 41.47 11.16
CA TYR C 34 -20.10 40.67 10.12
C TYR C 34 -18.74 41.24 9.78
N ILE C 35 -17.70 40.64 10.36
CA ILE C 35 -16.33 41.04 10.14
C ILE C 35 -15.83 40.24 8.93
N TYR C 36 -15.67 40.92 7.80
CA TYR C 36 -15.25 40.29 6.55
C TYR C 36 -13.89 40.79 6.06
N LYS C 37 -13.17 39.91 5.36
CA LYS C 37 -11.85 40.22 4.81
C LYS C 37 -11.02 41.21 5.61
N CYS C 38 -10.83 40.94 6.90
CA CYS C 38 -10.02 41.80 7.78
C CYS C 38 -8.76 41.02 8.15
N VAL C 39 -7.60 41.64 7.96
CA VAL C 39 -6.35 40.97 8.33
C VAL C 39 -5.51 41.85 9.24
N ASN C 40 -4.86 41.22 10.21
CA ASN C 40 -4.02 41.92 11.17
C ASN C 40 -4.79 43.07 11.81
N THR C 41 -6.07 42.82 12.08
CA THR C 41 -6.95 43.81 12.69
C THR C 41 -7.37 43.38 14.08
N THR C 42 -7.79 44.34 14.89
CA THR C 42 -8.24 44.07 16.25
C THR C 42 -9.52 44.86 16.47
N LEU C 43 -10.60 44.16 16.79
CA LEU C 43 -11.89 44.77 17.00
C LEU C 43 -12.53 44.36 18.32
N GLN C 44 -13.28 45.27 18.92
CA GLN C 44 -13.97 45.01 20.16
C GLN C 44 -15.39 45.51 20.02
N ILE C 45 -16.36 44.71 20.48
CA ILE C 45 -17.76 45.08 20.39
C ILE C 45 -18.35 45.16 21.79
N LYS C 46 -18.76 46.36 22.19
CA LYS C 46 -19.33 46.57 23.52
C LYS C 46 -20.84 46.40 23.51
N GLY C 47 -21.34 45.60 24.43
CA GLY C 47 -22.77 45.39 24.49
C GLY C 47 -23.21 44.03 24.00
N LYS C 48 -24.45 43.67 24.33
CA LYS C 48 -25.01 42.38 23.96
C LYS C 48 -25.78 42.44 22.64
N ILE C 49 -25.31 41.70 21.66
CA ILE C 49 -25.96 41.64 20.36
C ILE C 49 -26.42 40.22 20.06
N ASN C 50 -27.05 40.02 18.91
CA ASN C 50 -27.54 38.71 18.55
C ASN C 50 -26.47 37.71 18.16
N SER C 51 -25.63 38.08 17.19
CA SER C 51 -24.57 37.19 16.74
C SER C 51 -23.46 37.90 15.99
N ILE C 52 -22.31 37.24 15.90
CA ILE C 52 -21.14 37.75 15.21
C ILE C 52 -20.66 36.72 14.20
N THR C 53 -20.01 37.18 13.15
CA THR C 53 -19.50 36.27 12.13
C THR C 53 -18.16 36.75 11.58
N VAL C 54 -17.12 35.96 11.79
CA VAL C 54 -15.81 36.29 11.28
C VAL C 54 -15.60 35.45 10.04
N ASP C 55 -15.77 36.07 8.88
CA ASP C 55 -15.63 35.38 7.63
C ASP C 55 -14.45 35.88 6.82
N ASN C 56 -13.57 34.97 6.44
CA ASN C 56 -12.41 35.32 5.63
C ASN C 56 -11.47 36.34 6.25
N CYS C 57 -11.06 36.10 7.50
CA CYS C 57 -10.15 37.04 8.15
C CYS C 57 -8.83 36.35 8.49
N LYS C 58 -7.76 37.14 8.54
CA LYS C 58 -6.43 36.64 8.85
C LYS C 58 -5.88 37.48 9.99
N LYS C 59 -5.26 36.83 10.97
CA LYS C 59 -4.69 37.55 12.09
C LYS C 59 -5.70 38.54 12.68
N LEU C 60 -6.92 38.08 12.90
CA LEU C 60 -7.95 38.95 13.46
C LEU C 60 -8.10 38.74 14.96
N GLY C 61 -8.19 39.84 15.69
CA GLY C 61 -8.37 39.76 17.13
C GLY C 61 -9.71 40.34 17.51
N LEU C 62 -10.61 39.50 18.02
CA LEU C 62 -11.93 39.97 18.41
C LEU C 62 -12.20 39.78 19.88
N VAL C 63 -12.91 40.74 20.47
CA VAL C 63 -13.28 40.66 21.87
C VAL C 63 -14.66 41.29 21.97
N PHE C 64 -15.62 40.54 22.49
CA PHE C 64 -16.99 41.03 22.62
C PHE C 64 -17.51 40.80 24.04
N ASP C 65 -18.68 41.34 24.33
CA ASP C 65 -19.27 41.21 25.66
C ASP C 65 -20.23 40.03 25.74
N ASP C 66 -21.40 40.19 25.15
CA ASP C 66 -22.40 39.14 25.15
C ASP C 66 -22.98 38.89 23.77
N VAL C 67 -23.38 37.65 23.52
CA VAL C 67 -24.00 37.28 22.26
C VAL C 67 -25.20 36.43 22.65
N VAL C 68 -26.34 36.71 22.03
CA VAL C 68 -27.58 35.99 22.32
C VAL C 68 -27.59 34.60 21.71
N GLY C 69 -26.94 34.46 20.55
CA GLY C 69 -26.92 33.18 19.89
C GLY C 69 -25.58 32.56 19.58
N ILE C 70 -25.10 32.80 18.37
CA ILE C 70 -23.86 32.20 17.91
C ILE C 70 -22.76 33.14 17.38
N VAL C 71 -21.52 32.71 17.56
CA VAL C 71 -20.36 33.44 17.08
C VAL C 71 -19.69 32.48 16.11
N GLU C 72 -19.62 32.86 14.83
CA GLU C 72 -19.03 32.00 13.81
C GLU C 72 -17.70 32.51 13.30
N ILE C 73 -16.74 31.61 13.20
CA ILE C 73 -15.42 31.94 12.67
C ILE C 73 -15.24 30.99 11.49
N ILE C 74 -15.60 31.46 10.30
CA ILE C 74 -15.53 30.66 9.09
C ILE C 74 -14.48 31.12 8.08
N ASN C 75 -13.91 30.17 7.36
CA ASN C 75 -12.89 30.44 6.34
C ASN C 75 -11.82 31.41 6.81
N SER C 76 -11.30 31.22 8.01
CA SER C 76 -10.27 32.15 8.49
C SER C 76 -8.93 31.54 8.90
N LYS C 77 -7.97 32.41 9.22
CA LYS C 77 -6.64 31.98 9.61
C LYS C 77 -6.15 32.82 10.78
N ASP C 78 -5.74 32.16 11.86
CA ASP C 78 -5.24 32.82 13.06
C ASP C 78 -6.18 33.87 13.63
N VAL C 79 -7.34 33.40 14.11
CA VAL C 79 -8.34 34.27 14.70
C VAL C 79 -8.33 34.07 16.21
N LYS C 80 -8.52 35.15 16.94
CA LYS C 80 -8.55 35.11 18.39
C LYS C 80 -9.88 35.72 18.80
N VAL C 81 -10.66 34.96 19.58
CA VAL C 81 -11.97 35.43 20.04
C VAL C 81 -11.99 35.43 21.56
N GLN C 82 -12.64 36.44 22.15
CA GLN C 82 -12.73 36.52 23.59
C GLN C 82 -14.09 37.02 24.06
N VAL C 83 -14.69 36.29 25.00
CA VAL C 83 -15.97 36.64 25.58
C VAL C 83 -15.71 37.22 26.96
N MET C 84 -16.25 38.40 27.22
CA MET C 84 -16.07 39.00 28.54
C MET C 84 -17.25 38.49 29.35
N GLY C 85 -18.39 38.38 28.68
CA GLY C 85 -19.59 37.90 29.33
C GLY C 85 -20.00 36.48 28.96
N LYS C 86 -21.12 36.34 28.26
CA LYS C 86 -21.64 35.03 27.91
C LYS C 86 -21.92 34.80 26.41
N VAL C 87 -21.66 33.57 25.98
CA VAL C 87 -21.90 33.17 24.59
C VAL C 87 -22.28 31.69 24.60
N PRO C 88 -23.45 31.35 24.03
CA PRO C 88 -23.93 29.97 23.97
C PRO C 88 -23.06 29.04 23.13
N THR C 89 -22.78 29.44 21.90
CA THR C 89 -21.96 28.60 21.04
C THR C 89 -20.99 29.38 20.14
N ILE C 90 -19.80 28.82 19.97
CA ILE C 90 -18.78 29.41 19.13
C ILE C 90 -18.50 28.32 18.10
N SER C 91 -18.86 28.57 16.85
CA SER C 91 -18.67 27.61 15.78
C SER C 91 -17.49 27.94 14.88
N ILE C 92 -16.54 27.01 14.82
CA ILE C 92 -15.34 27.17 14.00
C ILE C 92 -15.46 26.29 12.77
N ASN C 93 -15.47 26.92 11.60
CA ASN C 93 -15.61 26.19 10.36
C ASN C 93 -14.56 26.61 9.33
N LYS C 94 -13.99 25.64 8.64
CA LYS C 94 -12.98 25.89 7.62
C LYS C 94 -11.98 26.94 8.08
N THR C 95 -11.59 26.87 9.35
CA THR C 95 -10.64 27.82 9.90
C THR C 95 -9.42 27.11 10.47
N ASP C 96 -8.24 27.69 10.21
CA ASP C 96 -7.00 27.12 10.71
C ASP C 96 -6.36 28.08 11.69
N GLY C 97 -6.29 27.66 12.95
CA GLY C 97 -5.72 28.50 13.98
C GLY C 97 -6.79 29.38 14.60
N CYS C 98 -7.25 29.01 15.78
CA CYS C 98 -8.28 29.78 16.46
C CYS C 98 -8.17 29.59 17.96
N HIS C 99 -8.19 30.69 18.70
CA HIS C 99 -8.09 30.61 20.14
C HIS C 99 -9.32 31.25 20.76
N ALA C 100 -10.12 30.41 21.43
CA ALA C 100 -11.34 30.89 22.05
C ALA C 100 -11.15 31.12 23.55
N TYR C 101 -11.10 32.39 23.94
CA TYR C 101 -10.93 32.76 25.33
C TYR C 101 -12.30 32.86 25.99
N LEU C 102 -12.57 31.98 26.94
CA LEU C 102 -13.86 32.01 27.62
C LEU C 102 -13.79 32.87 28.88
N SER C 103 -14.89 32.90 29.63
CA SER C 103 -14.97 33.68 30.85
C SER C 103 -15.73 32.89 31.90
N LYS C 104 -15.68 33.36 33.14
CA LYS C 104 -16.36 32.68 34.24
C LYS C 104 -17.84 32.46 33.93
N ASN C 105 -18.39 33.30 33.06
CA ASN C 105 -19.81 33.21 32.72
C ASN C 105 -20.22 32.52 31.41
N SER C 106 -19.25 31.96 30.70
CA SER C 106 -19.56 31.25 29.46
C SER C 106 -18.75 29.96 29.42
N LEU C 107 -18.53 29.38 30.60
CA LEU C 107 -17.78 28.15 30.72
C LEU C 107 -18.64 27.01 30.18
N ASP C 108 -19.92 27.31 29.99
CA ASP C 108 -20.89 26.33 29.48
C ASP C 108 -21.02 26.49 27.98
N CYS C 109 -20.13 27.28 27.38
CA CYS C 109 -20.17 27.50 25.96
C CYS C 109 -19.86 26.22 25.23
N GLU C 110 -20.46 26.08 24.05
CA GLU C 110 -20.29 24.90 23.21
C GLU C 110 -19.42 25.20 22.00
N ILE C 111 -18.35 24.44 21.82
CA ILE C 111 -17.45 24.68 20.69
C ILE C 111 -17.67 23.72 19.54
N VAL C 112 -18.43 24.18 18.54
CA VAL C 112 -18.73 23.37 17.36
C VAL C 112 -17.62 23.59 16.32
N SER C 113 -17.02 22.50 15.85
CA SER C 113 -15.92 22.59 14.89
C SER C 113 -16.09 21.70 13.66
N ALA C 114 -15.46 22.10 12.56
CA ALA C 114 -15.53 21.34 11.32
C ALA C 114 -14.48 21.83 10.33
N LYS C 115 -13.86 20.90 9.62
CA LYS C 115 -12.84 21.24 8.63
C LYS C 115 -11.85 22.27 9.15
N SER C 116 -11.61 22.27 10.46
CA SER C 116 -10.69 23.23 11.05
C SER C 116 -9.50 22.57 11.73
N SER C 117 -8.46 23.37 11.97
CA SER C 117 -7.26 22.87 12.64
C SER C 117 -6.75 23.90 13.64
N GLU C 118 -5.75 23.49 14.41
CA GLU C 118 -5.11 24.34 15.42
C GLU C 118 -6.07 25.17 16.26
N MET C 119 -7.05 24.51 16.88
CA MET C 119 -8.02 25.21 17.73
C MET C 119 -7.68 25.00 19.20
N ASN C 120 -7.83 26.06 20.00
CA ASN C 120 -7.55 25.98 21.43
C ASN C 120 -8.59 26.79 22.19
N VAL C 121 -9.02 26.27 23.33
CA VAL C 121 -9.99 26.94 24.17
C VAL C 121 -9.25 27.36 25.43
N LEU C 122 -9.20 28.66 25.67
CA LEU C 122 -8.51 29.19 26.85
C LEU C 122 -9.50 29.33 28.00
N ILE C 123 -9.24 28.63 29.10
CA ILE C 123 -10.09 28.66 30.27
C ILE C 123 -9.52 29.62 31.30
N PRO C 124 -10.36 30.52 31.82
CA PRO C 124 -9.93 31.50 32.82
C PRO C 124 -9.68 30.94 34.21
N THR C 125 -8.70 31.52 34.90
CA THR C 125 -8.34 31.11 36.25
C THR C 125 -8.16 32.33 37.15
N GLU C 126 -8.53 32.18 38.42
CA GLU C 126 -8.41 33.27 39.38
C GLU C 126 -7.09 34.00 39.25
N GLY C 127 -7.10 35.11 38.51
CA GLY C 127 -5.87 35.88 38.35
C GLY C 127 -5.62 36.41 36.95
N GLY C 128 -6.66 36.55 36.15
CA GLY C 128 -6.51 37.05 34.80
C GLY C 128 -5.64 36.18 33.92
N ASP C 129 -5.52 34.90 34.27
CA ASP C 129 -4.71 33.98 33.47
C ASP C 129 -5.60 32.97 32.78
N PHE C 130 -5.05 32.28 31.79
CA PHE C 130 -5.80 31.28 31.06
C PHE C 130 -5.02 29.99 30.93
N ASN C 131 -5.75 28.88 30.91
CA ASN C 131 -5.15 27.57 30.73
C ASN C 131 -5.51 27.23 29.30
N GLU C 132 -4.61 26.59 28.57
CA GLU C 132 -4.88 26.25 27.19
C GLU C 132 -5.19 24.78 26.99
N PHE C 133 -6.22 24.50 26.20
CA PHE C 133 -6.65 23.14 25.88
C PHE C 133 -6.91 23.02 24.39
N PRO C 134 -6.24 22.07 23.72
CA PRO C 134 -6.46 21.94 22.28
C PRO C 134 -7.68 21.09 21.97
N VAL C 135 -8.52 21.58 21.05
CA VAL C 135 -9.71 20.82 20.68
C VAL C 135 -9.30 19.89 19.53
N PRO C 136 -9.73 18.62 19.59
CA PRO C 136 -9.43 17.57 18.61
C PRO C 136 -9.77 17.90 17.17
N GLU C 137 -8.88 17.52 16.26
CA GLU C 137 -9.12 17.77 14.84
C GLU C 137 -9.04 16.50 14.01
N GLN C 138 -8.73 15.37 14.65
CA GLN C 138 -8.66 14.10 13.94
C GLN C 138 -9.60 13.10 14.58
N PHE C 139 -10.14 12.19 13.76
CA PHE C 139 -11.09 11.20 14.25
C PHE C 139 -10.93 9.81 13.65
N LYS C 140 -11.05 8.80 14.51
CA LYS C 140 -10.93 7.39 14.13
C LYS C 140 -12.35 6.80 14.06
N THR C 141 -12.72 6.27 12.91
CA THR C 141 -14.04 5.68 12.73
C THR C 141 -13.93 4.18 12.47
N LEU C 142 -14.82 3.42 13.08
CA LEU C 142 -14.82 1.96 12.95
C LEU C 142 -16.20 1.41 12.61
N TRP C 143 -16.23 0.25 11.97
CA TRP C 143 -17.51 -0.38 11.62
C TRP C 143 -17.91 -1.37 12.71
N ASN C 144 -19.18 -1.26 13.11
CA ASN C 144 -19.77 -2.09 14.16
C ASN C 144 -20.25 -3.45 13.71
N GLY C 145 -20.79 -3.49 12.50
CA GLY C 145 -21.38 -4.70 11.97
C GLY C 145 -22.83 -4.28 11.99
N GLN C 146 -23.06 -3.10 12.59
CA GLN C 146 -24.37 -2.50 12.72
C GLN C 146 -24.33 -1.04 12.29
N LYS C 147 -23.23 -0.35 12.63
CA LYS C 147 -23.09 1.06 12.29
C LYS C 147 -21.65 1.54 12.51
N LEU C 148 -21.38 2.78 12.13
CA LEU C 148 -20.05 3.32 12.31
C LEU C 148 -19.96 3.90 13.72
N VAL C 149 -18.82 3.72 14.37
CA VAL C 149 -18.63 4.28 15.70
C VAL C 149 -17.37 5.13 15.67
N THR C 150 -17.56 6.44 15.80
CA THR C 150 -16.46 7.40 15.76
C THR C 150 -15.88 7.79 17.12
N THR C 151 -14.56 7.75 17.20
CA THR C 151 -13.84 8.11 18.41
C THR C 151 -12.98 9.33 18.10
N VAL C 152 -12.77 10.16 19.11
CA VAL C 152 -11.98 11.38 18.95
C VAL C 152 -10.54 11.15 19.34
N THR C 153 -9.60 11.54 18.49
CA THR C 153 -8.20 11.40 18.86
C THR C 153 -7.83 12.69 19.57
N GLU C 154 -7.74 12.60 20.89
CA GLU C 154 -7.39 13.73 21.74
C GLU C 154 -6.03 14.31 21.42
N ILE C 155 -5.99 15.63 21.37
CA ILE C 155 -4.76 16.37 21.06
C ILE C 155 -3.99 16.76 22.31
N ALA C 156 -2.66 16.72 22.19
CA ALA C 156 -1.75 17.09 23.28
C ALA C 156 -0.72 18.02 22.66
N GLY C 157 -0.12 18.89 23.47
CA GLY C 157 0.85 19.85 22.95
C GLY C 157 2.12 19.29 22.33
N PRO D 1 1.77 15.96 -19.18
CA PRO D 1 1.26 14.79 -19.89
C PRO D 1 0.96 13.61 -18.96
N ALA D 2 -0.10 12.86 -19.29
CA ALA D 2 -0.52 11.71 -18.52
C ALA D 2 0.60 10.71 -18.27
N VAL D 3 0.79 10.35 -17.02
CA VAL D 3 1.83 9.41 -16.61
C VAL D 3 1.19 8.18 -15.96
N LEU D 4 1.86 7.04 -16.11
CA LEU D 4 1.41 5.78 -15.53
C LEU D 4 2.56 4.82 -15.74
N GLU D 5 3.46 4.76 -14.79
CA GLU D 5 4.62 3.90 -14.90
C GLU D 5 5.24 3.68 -13.54
N LEU D 6 5.81 2.50 -13.33
CA LEU D 6 6.46 2.20 -12.08
C LEU D 6 7.80 2.93 -12.12
N GLU D 7 8.13 3.65 -11.06
CA GLU D 7 9.38 4.38 -10.97
C GLU D 7 10.00 3.96 -9.65
N GLY D 8 10.68 2.82 -9.66
CA GLY D 8 11.29 2.30 -8.45
C GLY D 8 10.24 1.43 -7.78
N LYS D 9 9.83 1.82 -6.56
CA LYS D 9 8.82 1.08 -5.83
C LYS D 9 7.48 1.77 -6.09
N LYS D 10 7.56 3.04 -6.50
CA LYS D 10 6.39 3.87 -6.74
C LYS D 10 5.69 3.78 -8.10
N TRP D 11 4.41 3.46 -8.04
CA TRP D 11 3.58 3.36 -9.22
C TRP D 11 2.98 4.72 -9.45
N ARG D 12 3.59 5.48 -10.34
CA ARG D 12 3.13 6.83 -10.65
C ARG D 12 2.02 6.86 -11.67
N VAL D 13 0.86 7.35 -11.28
CA VAL D 13 -0.27 7.48 -12.19
C VAL D 13 -0.77 8.88 -11.88
N GLU D 14 -0.53 9.79 -12.83
CA GLU D 14 -0.89 11.19 -12.66
C GLU D 14 -1.34 11.87 -13.93
N ASN D 15 -2.03 13.00 -13.77
CA ASN D 15 -2.52 13.79 -14.90
C ASN D 15 -3.51 13.05 -15.80
N GLN D 16 -4.07 11.96 -15.31
CA GLN D 16 -5.04 11.20 -16.09
C GLN D 16 -6.32 12.00 -16.25
N GLU D 17 -6.93 11.94 -17.42
CA GLU D 17 -8.16 12.68 -17.67
C GLU D 17 -9.15 11.91 -18.53
N ASN D 18 -10.33 11.68 -17.98
CA ASN D 18 -11.41 10.98 -18.68
C ASN D 18 -11.07 9.57 -19.17
N VAL D 19 -10.14 8.91 -18.50
CA VAL D 19 -9.79 7.54 -18.84
C VAL D 19 -10.62 6.73 -17.85
N SER D 20 -10.78 5.44 -18.07
CA SER D 20 -11.58 4.65 -17.14
C SER D 20 -11.28 3.17 -17.15
N ASN D 21 -10.23 2.77 -17.87
CA ASN D 21 -9.85 1.37 -17.95
C ASN D 21 -8.46 1.12 -17.37
N LEU D 22 -7.87 2.15 -16.77
CA LEU D 22 -6.55 2.01 -16.18
C LEU D 22 -6.48 0.80 -15.26
N VAL D 23 -5.44 -0.01 -15.43
CA VAL D 23 -5.24 -1.19 -14.61
C VAL D 23 -3.76 -1.50 -14.41
N ILE D 24 -3.39 -1.78 -13.17
CA ILE D 24 -2.02 -2.11 -12.85
C ILE D 24 -2.02 -3.59 -12.50
N GLU D 25 -1.77 -4.42 -13.52
CA GLU D 25 -1.75 -5.87 -13.39
C GLU D 25 -0.65 -6.39 -12.49
N ASP D 26 0.60 -6.16 -12.89
CA ASP D 26 1.75 -6.60 -12.12
C ASP D 26 1.64 -5.93 -10.77
N THR D 27 2.50 -6.31 -9.83
CA THR D 27 2.48 -5.72 -8.51
C THR D 27 3.42 -6.48 -7.59
N GLU D 28 4.10 -5.73 -6.74
CA GLU D 28 5.02 -6.32 -5.77
C GLU D 28 4.61 -5.85 -4.38
N LEU D 29 4.77 -6.72 -3.41
CA LEU D 29 4.40 -6.45 -2.03
C LEU D 29 4.97 -5.17 -1.41
N LYS D 30 6.14 -4.73 -1.86
CA LYS D 30 6.75 -3.54 -1.27
C LYS D 30 6.50 -2.25 -2.07
N GLN D 31 5.74 -2.36 -3.15
CA GLN D 31 5.45 -1.18 -3.97
C GLN D 31 4.41 -0.29 -3.31
N VAL D 32 4.20 0.87 -3.90
CA VAL D 32 3.22 1.84 -3.44
C VAL D 32 2.67 2.50 -4.69
N ALA D 33 1.51 3.14 -4.58
CA ALA D 33 0.92 3.82 -5.72
C ALA D 33 0.63 5.25 -5.35
N TYR D 34 0.88 6.17 -6.27
CA TYR D 34 0.62 7.58 -6.03
C TYR D 34 -0.19 8.14 -7.18
N ILE D 35 -1.50 8.20 -6.99
CA ILE D 35 -2.41 8.72 -7.99
C ILE D 35 -2.52 10.23 -7.78
N TYR D 36 -1.88 10.99 -8.66
CA TYR D 36 -1.86 12.45 -8.56
C TYR D 36 -2.57 13.19 -9.68
N LYS D 37 -3.21 14.30 -9.33
CA LYS D 37 -3.94 15.13 -10.27
C LYS D 37 -4.68 14.34 -11.34
N CYS D 38 -5.55 13.44 -10.92
CA CYS D 38 -6.34 12.65 -11.86
C CYS D 38 -7.79 13.06 -11.68
N VAL D 39 -8.47 13.36 -12.78
CA VAL D 39 -9.88 13.75 -12.71
C VAL D 39 -10.70 12.89 -13.67
N ASN D 40 -11.91 12.54 -13.24
CA ASN D 40 -12.82 11.72 -14.03
C ASN D 40 -12.10 10.47 -14.55
N THR D 41 -11.27 9.89 -13.70
CA THR D 41 -10.49 8.71 -14.05
C THR D 41 -10.93 7.51 -13.21
N THR D 42 -10.65 6.32 -13.71
CA THR D 42 -10.99 5.10 -13.01
C THR D 42 -9.78 4.17 -13.10
N LEU D 43 -9.26 3.78 -11.95
CA LEU D 43 -8.07 2.94 -11.86
C LEU D 43 -8.28 1.71 -10.98
N GLN D 44 -7.65 0.61 -11.34
CA GLN D 44 -7.73 -0.62 -10.57
C GLN D 44 -6.33 -1.17 -10.38
N ILE D 45 -6.01 -1.55 -9.15
CA ILE D 45 -4.70 -2.11 -8.84
C ILE D 45 -4.87 -3.55 -8.39
N LYS D 46 -4.29 -4.47 -9.16
CA LYS D 46 -4.39 -5.89 -8.84
C LYS D 46 -3.19 -6.35 -8.03
N GLY D 47 -3.46 -7.04 -6.93
CA GLY D 47 -2.38 -7.53 -6.10
C GLY D 47 -2.25 -6.76 -4.80
N LYS D 48 -1.41 -7.28 -3.92
CA LYS D 48 -1.17 -6.67 -2.61
C LYS D 48 0.09 -5.81 -2.61
N ILE D 49 -0.08 -4.52 -2.33
CA ILE D 49 1.04 -3.60 -2.25
C ILE D 49 1.06 -2.99 -0.86
N ASN D 50 2.07 -2.14 -0.60
CA ASN D 50 2.21 -1.50 0.70
C ASN D 50 1.21 -0.42 1.01
N SER D 51 1.05 0.53 0.10
CA SER D 51 0.12 1.61 0.33
C SER D 51 -0.23 2.38 -0.94
N ILE D 52 -1.35 3.09 -0.87
CA ILE D 52 -1.84 3.89 -1.98
C ILE D 52 -2.11 5.30 -1.50
N THR D 53 -1.98 6.27 -2.39
CA THR D 53 -2.22 7.66 -2.04
C THR D 53 -2.91 8.42 -3.17
N VAL D 54 -4.12 8.87 -2.90
CA VAL D 54 -4.88 9.64 -3.87
C VAL D 54 -4.75 11.09 -3.43
N ASP D 55 -3.92 11.83 -4.15
CA ASP D 55 -3.67 13.24 -3.82
C ASP D 55 -4.08 14.16 -4.96
N ASN D 56 -4.96 15.11 -4.65
CA ASN D 56 -5.41 16.09 -5.63
C ASN D 56 -6.14 15.50 -6.82
N CYS D 57 -7.14 14.65 -6.57
CA CYS D 57 -7.90 14.05 -7.65
C CYS D 57 -9.35 14.47 -7.56
N LYS D 58 -10.03 14.46 -8.70
CA LYS D 58 -11.45 14.83 -8.77
C LYS D 58 -12.17 13.73 -9.52
N LYS D 59 -13.34 13.34 -9.03
CA LYS D 59 -14.11 12.29 -9.68
C LYS D 59 -13.22 11.07 -9.99
N LEU D 60 -12.44 10.65 -9.00
CA LEU D 60 -11.56 9.50 -9.18
C LEU D 60 -12.18 8.25 -8.62
N GLY D 61 -12.09 7.16 -9.39
CA GLY D 61 -12.63 5.89 -8.96
C GLY D 61 -11.51 4.88 -8.79
N LEU D 62 -11.32 4.41 -7.57
CA LEU D 62 -10.25 3.46 -7.31
C LEU D 62 -10.78 2.17 -6.71
N VAL D 63 -10.17 1.06 -7.12
CA VAL D 63 -10.54 -0.24 -6.60
C VAL D 63 -9.23 -1.01 -6.57
N PHE D 64 -8.90 -1.55 -5.41
CA PHE D 64 -7.66 -2.31 -5.22
C PHE D 64 -7.95 -3.62 -4.51
N ASP D 65 -6.94 -4.49 -4.42
CA ASP D 65 -7.12 -5.79 -3.78
C ASP D 65 -6.74 -5.79 -2.31
N ASP D 66 -5.45 -5.66 -2.03
CA ASP D 66 -4.96 -5.65 -0.67
C ASP D 66 -3.93 -4.56 -0.48
N VAL D 67 -3.83 -4.04 0.74
CA VAL D 67 -2.87 -3.00 1.06
C VAL D 67 -2.31 -3.40 2.43
N VAL D 68 -0.98 -3.42 2.54
CA VAL D 68 -0.35 -3.83 3.79
C VAL D 68 -0.48 -2.77 4.88
N GLY D 69 -0.46 -1.50 4.48
CA GLY D 69 -0.56 -0.44 5.45
C GLY D 69 -1.74 0.51 5.35
N ILE D 70 -1.51 1.66 4.73
CA ILE D 70 -2.53 2.69 4.62
C ILE D 70 -2.92 3.13 3.20
N VAL D 71 -4.15 3.62 3.07
CA VAL D 71 -4.67 4.14 1.81
C VAL D 71 -5.06 5.56 2.19
N GLU D 72 -4.43 6.55 1.55
CA GLU D 72 -4.70 7.95 1.84
C GLU D 72 -5.41 8.69 0.73
N ILE D 73 -6.49 9.37 1.08
CA ILE D 73 -7.22 10.18 0.11
C ILE D 73 -7.12 11.60 0.61
N ILE D 74 -6.11 12.32 0.11
CA ILE D 74 -5.87 13.69 0.53
C ILE D 74 -6.14 14.74 -0.55
N ASN D 75 -6.57 15.92 -0.12
CA ASN D 75 -6.88 17.05 -0.98
C ASN D 75 -7.68 16.68 -2.23
N SER D 76 -8.73 15.88 -2.08
CA SER D 76 -9.51 15.49 -3.25
C SER D 76 -10.98 15.84 -3.20
N LYS D 77 -11.68 15.53 -4.29
CA LYS D 77 -13.11 15.79 -4.42
C LYS D 77 -13.78 14.62 -5.13
N ASP D 78 -14.83 14.09 -4.52
CA ASP D 78 -15.59 12.98 -5.07
C ASP D 78 -14.72 11.79 -5.46
N VAL D 79 -14.12 11.17 -4.45
CA VAL D 79 -13.29 10.00 -4.66
C VAL D 79 -14.05 8.77 -4.17
N LYS D 80 -13.94 7.68 -4.92
CA LYS D 80 -14.59 6.42 -4.60
C LYS D 80 -13.48 5.38 -4.47
N VAL D 81 -13.40 4.73 -3.31
CA VAL D 81 -12.38 3.72 -3.06
C VAL D 81 -13.04 2.40 -2.71
N GLN D 82 -12.52 1.30 -3.25
CA GLN D 82 -13.09 -0.01 -2.94
C GLN D 82 -12.02 -1.07 -2.71
N VAL D 83 -12.19 -1.83 -1.63
CA VAL D 83 -11.27 -2.91 -1.26
C VAL D 83 -11.95 -4.22 -1.62
N MET D 84 -11.25 -5.08 -2.33
CA MET D 84 -11.81 -6.38 -2.68
C MET D 84 -11.37 -7.26 -1.51
N GLY D 85 -10.11 -7.08 -1.11
CA GLY D 85 -9.57 -7.86 -0.02
C GLY D 85 -9.52 -7.15 1.31
N LYS D 86 -8.31 -6.91 1.80
CA LYS D 86 -8.12 -6.28 3.11
C LYS D 86 -7.27 -5.00 3.15
N VAL D 87 -7.66 -4.08 4.01
CA VAL D 87 -6.95 -2.81 4.20
C VAL D 87 -7.09 -2.38 5.67
N PRO D 88 -5.97 -2.17 6.36
CA PRO D 88 -5.96 -1.76 7.76
C PRO D 88 -6.63 -0.41 8.03
N THR D 89 -6.14 0.63 7.37
CA THR D 89 -6.70 1.96 7.56
C THR D 89 -6.82 2.76 6.26
N ILE D 90 -7.90 3.54 6.18
CA ILE D 90 -8.17 4.40 5.03
C ILE D 90 -8.29 5.79 5.65
N SER D 91 -7.34 6.66 5.35
CA SER D 91 -7.35 8.00 5.91
C SER D 91 -7.83 9.05 4.91
N ILE D 92 -8.86 9.80 5.29
CA ILE D 92 -9.41 10.83 4.43
C ILE D 92 -9.02 12.18 5.03
N ASN D 93 -8.26 12.96 4.26
CA ASN D 93 -7.79 14.26 4.72
C ASN D 93 -8.05 15.36 3.69
N LYS D 94 -8.56 16.49 4.16
CA LYS D 94 -8.86 17.64 3.30
C LYS D 94 -9.55 17.20 2.02
N THR D 95 -10.47 16.25 2.16
CA THR D 95 -11.22 15.75 1.01
C THR D 95 -12.71 15.91 1.21
N ASP D 96 -13.40 16.29 0.14
CA ASP D 96 -14.84 16.48 0.18
C ASP D 96 -15.52 15.49 -0.74
N GLY D 97 -16.33 14.61 -0.18
CA GLY D 97 -17.00 13.62 -0.98
C GLY D 97 -16.11 12.41 -1.17
N CYS D 98 -16.35 11.39 -0.37
CA CYS D 98 -15.56 10.17 -0.42
C CYS D 98 -16.40 8.99 0.02
N HIS D 99 -16.43 7.95 -0.82
CA HIS D 99 -17.20 6.75 -0.50
C HIS D 99 -16.24 5.58 -0.38
N ALA D 100 -16.17 5.02 0.82
CA ALA D 100 -15.27 3.90 1.07
C ALA D 100 -16.04 2.59 1.07
N TYR D 101 -15.83 1.79 0.02
CA TYR D 101 -16.51 0.50 -0.09
C TYR D 101 -15.63 -0.56 0.55
N LEU D 102 -16.11 -1.18 1.61
CA LEU D 102 -15.33 -2.22 2.27
C LEU D 102 -15.71 -3.59 1.72
N SER D 103 -15.17 -4.63 2.33
CA SER D 103 -15.45 -6.00 1.91
C SER D 103 -15.56 -6.87 3.15
N LYS D 104 -16.04 -8.09 2.97
CA LYS D 104 -16.19 -9.03 4.07
C LYS D 104 -14.88 -9.20 4.85
N ASN D 105 -13.75 -8.93 4.21
CA ASN D 105 -12.45 -9.12 4.86
C ASN D 105 -11.74 -7.87 5.37
N SER D 106 -12.42 -6.73 5.33
CA SER D 106 -11.82 -5.48 5.81
C SER D 106 -12.85 -4.69 6.61
N LEU D 107 -13.77 -5.42 7.22
CA LEU D 107 -14.84 -4.82 8.03
C LEU D 107 -14.21 -4.24 9.29
N ASP D 108 -12.95 -4.61 9.51
CA ASP D 108 -12.19 -4.15 10.66
C ASP D 108 -11.32 -2.96 10.29
N CYS D 109 -11.54 -2.43 9.09
CA CYS D 109 -10.76 -1.28 8.64
C CYS D 109 -11.10 -0.07 9.49
N GLU D 110 -10.11 0.79 9.69
CA GLU D 110 -10.27 2.00 10.48
C GLU D 110 -10.32 3.22 9.57
N ILE D 111 -11.35 4.04 9.73
CA ILE D 111 -11.47 5.23 8.90
C ILE D 111 -11.08 6.49 9.64
N VAL D 112 -9.87 6.97 9.36
CA VAL D 112 -9.36 8.19 9.96
C VAL D 112 -9.73 9.37 9.07
N SER D 113 -10.37 10.38 9.65
CA SER D 113 -10.78 11.56 8.88
C SER D 113 -10.33 12.88 9.49
N ALA D 114 -10.28 13.91 8.67
CA ALA D 114 -9.87 15.24 9.11
C ALA D 114 -10.09 16.27 8.01
N LYS D 115 -10.58 17.43 8.39
CA LYS D 115 -10.84 18.51 7.44
C LYS D 115 -11.59 18.02 6.21
N SER D 116 -12.39 16.98 6.36
CA SER D 116 -13.14 16.43 5.24
C SER D 116 -14.65 16.46 5.44
N SER D 117 -15.38 16.38 4.33
CA SER D 117 -16.84 16.39 4.36
C SER D 117 -17.42 15.32 3.43
N GLU D 118 -18.72 15.10 3.54
CA GLU D 118 -19.44 14.12 2.73
C GLU D 118 -18.76 12.77 2.59
N MET D 119 -18.43 12.15 3.71
CA MET D 119 -17.79 10.83 3.70
C MET D 119 -18.81 9.75 4.01
N ASN D 120 -18.73 8.63 3.31
CA ASN D 120 -19.64 7.51 3.52
C ASN D 120 -18.86 6.21 3.45
N VAL D 121 -19.22 5.27 4.30
CA VAL D 121 -18.59 3.96 4.31
C VAL D 121 -19.66 2.98 3.86
N LEU D 122 -19.41 2.29 2.75
CA LEU D 122 -20.37 1.32 2.23
C LEU D 122 -20.04 -0.06 2.78
N ILE D 123 -20.98 -0.65 3.51
CA ILE D 123 -20.82 -1.97 4.10
C ILE D 123 -21.43 -3.04 3.20
N PRO D 124 -20.68 -4.12 2.90
CA PRO D 124 -21.20 -5.18 2.03
C PRO D 124 -22.26 -6.05 2.69
N THR D 125 -23.15 -6.59 1.86
CA THR D 125 -24.23 -7.46 2.31
C THR D 125 -24.35 -8.66 1.37
N GLU D 126 -24.71 -9.81 1.92
CA GLU D 126 -24.86 -11.02 1.11
C GLU D 126 -25.65 -10.76 -0.16
N GLY D 127 -24.97 -10.49 -1.27
CA GLY D 127 -25.70 -10.24 -2.50
C GLY D 127 -25.14 -9.14 -3.37
N GLY D 128 -23.87 -8.78 -3.15
CA GLY D 128 -23.24 -7.76 -3.95
C GLY D 128 -23.80 -6.36 -3.75
N ASP D 129 -24.48 -6.15 -2.63
CA ASP D 129 -25.06 -4.86 -2.34
C ASP D 129 -24.31 -4.22 -1.19
N PHE D 130 -24.49 -2.92 -1.03
CA PHE D 130 -23.84 -2.19 0.03
C PHE D 130 -24.84 -1.34 0.77
N ASN D 131 -24.58 -1.15 2.05
CA ASN D 131 -25.41 -0.32 2.90
C ASN D 131 -24.57 0.93 3.06
N GLU D 132 -25.20 2.10 3.08
CA GLU D 132 -24.45 3.34 3.23
C GLU D 132 -24.58 3.94 4.62
N PHE D 133 -23.44 4.36 5.17
CA PHE D 133 -23.37 4.97 6.50
C PHE D 133 -22.51 6.21 6.38
N PRO D 134 -23.02 7.37 6.83
CA PRO D 134 -22.22 8.58 6.74
C PRO D 134 -21.33 8.75 7.94
N VAL D 135 -20.06 9.12 7.72
CA VAL D 135 -19.17 9.32 8.84
C VAL D 135 -19.29 10.78 9.26
N PRO D 136 -19.34 11.04 10.57
CA PRO D 136 -19.47 12.39 11.14
C PRO D 136 -18.44 13.41 10.67
N GLU D 137 -18.89 14.64 10.44
CA GLU D 137 -17.97 15.69 10.05
C GLU D 137 -18.06 16.90 10.97
N GLN D 138 -18.95 16.84 11.96
CA GLN D 138 -19.09 17.95 12.91
C GLN D 138 -18.91 17.46 14.34
N PHE D 139 -18.37 18.32 15.20
CA PHE D 139 -18.12 17.94 16.58
C PHE D 139 -18.41 19.01 17.62
N LYS D 140 -19.06 18.60 18.71
CA LYS D 140 -19.41 19.48 19.81
C LYS D 140 -18.41 19.25 20.95
N THR D 141 -17.71 20.31 21.34
CA THR D 141 -16.72 20.26 22.40
C THR D 141 -17.15 21.09 23.60
N LEU D 142 -16.90 20.59 24.80
CA LEU D 142 -17.31 21.27 26.03
C LEU D 142 -16.17 21.31 27.05
N TRP D 143 -16.22 22.29 27.96
CA TRP D 143 -15.20 22.42 29.00
C TRP D 143 -15.66 21.71 30.26
N ASN D 144 -14.81 20.85 30.79
CA ASN D 144 -15.08 20.06 32.00
C ASN D 144 -14.90 20.78 33.32
N GLY D 145 -13.87 21.61 33.37
CA GLY D 145 -13.51 22.33 34.58
C GLY D 145 -12.17 21.66 34.86
N GLN D 146 -11.87 20.69 34.01
CA GLN D 146 -10.65 19.90 34.09
C GLN D 146 -10.04 19.73 32.70
N LYS D 147 -10.90 19.53 31.70
CA LYS D 147 -10.43 19.33 30.33
C LYS D 147 -11.56 19.48 29.31
N LEU D 148 -11.24 19.39 28.03
CA LEU D 148 -12.26 19.49 27.00
C LEU D 148 -12.80 18.10 26.70
N VAL D 149 -14.11 17.99 26.57
CA VAL D 149 -14.72 16.70 26.26
C VAL D 149 -15.51 16.83 24.96
N THR D 150 -15.00 16.17 23.92
CA THR D 150 -15.59 16.22 22.60
C THR D 150 -16.55 15.08 22.26
N THR D 151 -17.69 15.45 21.69
CA THR D 151 -18.70 14.49 21.29
C THR D 151 -18.85 14.63 19.79
N VAL D 152 -19.29 13.57 19.14
CA VAL D 152 -19.47 13.56 17.70
C VAL D 152 -20.92 13.77 17.34
N THR D 153 -21.17 14.68 16.41
CA THR D 153 -22.55 14.90 15.99
C THR D 153 -22.80 13.93 14.83
N GLU D 154 -23.49 12.83 15.16
CA GLU D 154 -23.81 11.79 14.21
C GLU D 154 -24.60 12.33 13.02
N ILE D 155 -24.20 11.86 11.84
CA ILE D 155 -24.84 12.28 10.60
C ILE D 155 -25.95 11.33 10.18
N ALA D 156 -26.99 11.90 9.58
CA ALA D 156 -28.14 11.14 9.08
C ALA D 156 -28.42 11.71 7.70
N GLY D 157 -29.01 10.91 6.82
CA GLY D 157 -29.28 11.36 5.46
C GLY D 157 -30.21 12.54 5.25
#